data_7VT5
#
_entry.id   7VT5
#
_cell.length_a   49.549
_cell.length_b   75.348
_cell.length_c   82.151
_cell.angle_alpha   90.000
_cell.angle_beta   90.000
_cell.angle_gamma   90.000
#
_symmetry.space_group_name_H-M   'P 21 21 21'
#
loop_
_entity.id
_entity.type
_entity.pdbx_description
1 polymer 'Endoglucanase H'
2 non-polymer TRYPTOPHAN
3 non-polymer METHIONINE
4 water water
#
_entity_poly.entity_id   1
_entity_poly.type   'polypeptide(L)'
_entity_poly.pdbx_seq_one_letter_code
;MGCQSTQLQTPAPDTGGIVELNRQLGRGVNLGNALEAPWEGAWGVRLEEGFFELIREAGFKTIRLPVSWTHHAGRAAPYT
IDPAFFSRVDWAVTQATRRGLNIVVNVHHYDELNANPQAEEARYLSIWRQIAERYRNQPGSVYFELLNEPHGRFNDNPQL
WNDLLAKALRVVRESNPSRAVIVGPVGWNSLWRLSELRLPDDPNLIVTFHYYDPLEFTHQGAEWLNPVPPTGVVWHQQNA
IAQAMEFAQRWAEQNRRPIFVGEFGAYEKGDLDSRVRWTGAVRSELEKRNFSWAYWEFAAGFGIYDRTTRQWRTPLLKAL
VPEQPKLKLAAALEHHHHHH
;
_entity_poly.pdbx_strand_id   A
#
# COMPACT_ATOMS: atom_id res chain seq x y z
N GLY A 17 -10.25 1.15 -19.65
CA GLY A 17 -10.45 0.09 -18.67
C GLY A 17 -9.43 0.04 -17.54
N ILE A 18 -9.23 -1.16 -17.02
CA ILE A 18 -8.41 -1.31 -15.82
C ILE A 18 -6.93 -0.99 -16.09
N VAL A 19 -6.43 -1.23 -17.30
CA VAL A 19 -5.04 -0.91 -17.59
C VAL A 19 -4.83 0.60 -17.52
N GLU A 20 -5.81 1.36 -17.98
CA GLU A 20 -5.70 2.81 -17.87
C GLU A 20 -5.88 3.28 -16.43
N LEU A 21 -6.80 2.68 -15.65
CA LEU A 21 -6.90 3.03 -14.23
C LEU A 21 -5.58 2.79 -13.50
N ASN A 22 -4.89 1.69 -13.83
CA ASN A 22 -3.58 1.46 -13.21
C ASN A 22 -2.55 2.46 -13.69
N ARG A 23 -2.54 2.79 -14.98
CA ARG A 23 -1.61 3.80 -15.45
C ARG A 23 -1.85 5.14 -14.74
N GLN A 24 -3.12 5.45 -14.46
CA GLN A 24 -3.49 6.69 -13.78
C GLN A 24 -2.95 6.74 -12.35
N LEU A 25 -2.76 5.59 -11.71
CA LEU A 25 -2.10 5.59 -10.40
C LEU A 25 -0.70 6.24 -10.45
N GLY A 26 0.06 5.99 -11.50
CA GLY A 26 1.35 6.65 -11.67
C GLY A 26 2.24 6.52 -10.45
N ARG A 27 2.88 7.64 -10.10
CA ARG A 27 3.70 7.74 -8.91
C ARG A 27 2.89 8.15 -7.70
N GLY A 28 3.14 7.50 -6.56
CA GLY A 28 2.31 7.72 -5.39
C GLY A 28 3.12 7.68 -4.11
N VAL A 29 2.48 8.08 -3.02
CA VAL A 29 3.13 8.01 -1.71
C VAL A 29 2.10 7.55 -0.67
N ASN A 30 2.56 6.75 0.28
CA ASN A 30 1.73 6.34 1.41
C ASN A 30 1.71 7.40 2.49
N LEU A 31 0.51 7.67 3.03
CA LEU A 31 0.39 8.44 4.27
C LEU A 31 0.47 7.46 5.44
N GLY A 32 1.72 7.08 5.77
CA GLY A 32 1.96 6.07 6.80
C GLY A 32 2.19 6.66 8.18
N ASN A 33 2.18 5.76 9.16
CA ASN A 33 2.33 6.10 10.56
C ASN A 33 1.19 6.98 11.04
N ALA A 34 0.02 6.81 10.39
CA ALA A 34 -1.13 7.69 10.56
C ALA A 34 -2.35 6.83 10.92
N LEU A 35 -3.26 6.58 9.97
CA LEU A 35 -4.55 5.92 10.29
C LEU A 35 -4.42 4.41 10.42
N GLU A 36 -3.24 3.86 10.18
CA GLU A 36 -3.05 2.42 10.33
C GLU A 36 -2.47 2.07 11.69
N ALA A 37 -2.08 3.05 12.49
CA ALA A 37 -1.74 2.86 13.90
C ALA A 37 -2.99 2.54 14.72
N PRO A 38 -2.84 2.29 16.02
CA PRO A 38 -4.04 2.06 16.84
C PRO A 38 -5.00 3.24 16.85
N TRP A 39 -4.47 4.46 16.72
CA TRP A 39 -5.28 5.63 16.48
C TRP A 39 -4.39 6.67 15.82
N GLU A 40 -5.03 7.68 15.25
CA GLU A 40 -4.32 8.67 14.46
C GLU A 40 -3.41 9.50 15.35
N GLY A 41 -2.11 9.42 15.09
CA GLY A 41 -1.10 10.08 15.88
C GLY A 41 -0.30 9.14 16.74
N ALA A 42 -0.81 7.94 17.01
CA ALA A 42 -0.11 7.04 17.91
C ALA A 42 1.27 6.72 17.39
N TRP A 43 1.43 6.62 16.08
CA TRP A 43 2.73 6.32 15.49
C TRP A 43 3.42 7.54 14.91
N GLY A 44 2.98 8.74 15.28
CA GLY A 44 3.76 9.94 15.05
C GLY A 44 3.27 10.85 13.95
N VAL A 45 2.30 10.46 13.13
CA VAL A 45 1.82 11.30 12.03
C VAL A 45 0.31 11.50 12.15
N ARG A 46 -0.11 12.71 12.49
CA ARG A 46 -1.50 13.10 12.29
C ARG A 46 -1.61 13.70 10.89
N LEU A 47 -2.71 13.40 10.21
CA LEU A 47 -2.89 13.96 8.87
C LEU A 47 -3.24 15.45 8.96
N GLU A 48 -2.80 16.20 7.96
CA GLU A 48 -3.08 17.62 7.82
C GLU A 48 -3.51 17.90 6.39
N GLU A 49 -4.41 18.88 6.22
CA GLU A 49 -4.90 19.17 4.88
C GLU A 49 -3.76 19.58 3.94
N GLY A 50 -2.78 20.34 4.46
CA GLY A 50 -1.69 20.80 3.60
C GLY A 50 -0.87 19.68 2.98
N PHE A 51 -0.92 18.47 3.56
CA PHE A 51 -0.14 17.35 2.99
C PHE A 51 -0.54 17.09 1.55
N PHE A 52 -1.84 17.25 1.24
CA PHE A 52 -2.27 16.93 -0.12
C PHE A 52 -1.61 17.83 -1.15
N GLU A 53 -1.55 19.14 -0.86
CA GLU A 53 -0.96 20.05 -1.83
C GLU A 53 0.55 19.80 -1.92
N LEU A 54 1.18 19.50 -0.78
CA LEU A 54 2.64 19.25 -0.83
C LEU A 54 2.93 18.05 -1.72
N ILE A 55 2.10 17.01 -1.61
CA ILE A 55 2.37 15.79 -2.34
C ILE A 55 2.15 16.02 -3.81
N ARG A 56 1.13 16.81 -4.15
CA ARG A 56 0.94 17.16 -5.55
C ARG A 56 2.11 17.96 -6.07
N GLU A 57 2.57 18.93 -5.27
CA GLU A 57 3.62 19.80 -5.78
C GLU A 57 4.89 19.02 -6.00
N ALA A 58 5.05 17.89 -5.29
CA ALA A 58 6.28 17.13 -5.40
C ALA A 58 6.27 16.20 -6.59
N GLY A 59 5.15 16.06 -7.29
CA GLY A 59 5.05 15.28 -8.49
C GLY A 59 4.33 13.98 -8.34
N PHE A 60 3.68 13.74 -7.21
CA PHE A 60 2.91 12.52 -7.04
C PHE A 60 1.47 12.70 -7.53
N LYS A 61 0.91 11.64 -8.10
CA LYS A 61 -0.48 11.60 -8.55
C LYS A 61 -1.41 10.90 -7.57
N THR A 62 -0.88 10.16 -6.60
CA THR A 62 -1.69 9.23 -5.82
C THR A 62 -1.28 9.24 -4.36
N ILE A 63 -2.29 9.17 -3.50
CA ILE A 63 -2.12 8.91 -2.08
C ILE A 63 -2.53 7.46 -1.84
N ARG A 64 -1.68 6.65 -1.20
CA ARG A 64 -2.18 5.41 -0.58
C ARG A 64 -2.44 5.69 0.90
N LEU A 65 -3.64 5.32 1.37
CA LEU A 65 -4.12 5.65 2.71
C LEU A 65 -4.27 4.36 3.52
N PRO A 66 -3.26 3.96 4.26
CA PRO A 66 -3.39 2.77 5.11
C PRO A 66 -4.38 3.04 6.24
N VAL A 67 -5.36 2.15 6.42
CA VAL A 67 -6.36 2.37 7.46
C VAL A 67 -6.58 1.07 8.21
N SER A 68 -6.32 1.07 9.52
CA SER A 68 -6.50 -0.15 10.32
C SER A 68 -7.84 -0.07 11.03
N TRP A 69 -8.88 -0.45 10.30
CA TRP A 69 -10.27 -0.35 10.75
C TRP A 69 -10.52 -1.17 12.00
N THR A 70 -9.74 -2.24 12.23
CA THR A 70 -10.04 -3.13 13.34
C THR A 70 -10.06 -2.41 14.68
N HIS A 71 -9.23 -1.39 14.86
CA HIS A 71 -9.21 -0.67 16.13
C HIS A 71 -10.42 0.22 16.33
N HIS A 72 -11.23 0.40 15.31
CA HIS A 72 -12.31 1.37 15.34
C HIS A 72 -13.67 0.76 15.05
N ALA A 73 -13.79 -0.56 15.12
CA ALA A 73 -15.04 -1.23 14.78
C ALA A 73 -15.49 -2.11 15.93
N GLY A 74 -16.80 -2.16 16.11
CA GLY A 74 -17.36 -3.05 17.12
C GLY A 74 -16.91 -4.49 16.94
N ARG A 75 -16.72 -5.20 18.05
CA ARG A 75 -16.33 -6.62 17.99
C ARG A 75 -17.51 -7.54 17.78
N ALA A 76 -18.71 -7.11 18.11
CA ALA A 76 -19.90 -7.93 17.97
C ALA A 76 -20.68 -7.43 16.76
N ALA A 77 -21.39 -8.32 16.10
CA ALA A 77 -22.18 -7.90 14.96
C ALA A 77 -23.11 -6.76 15.39
N PRO A 78 -23.36 -5.76 14.53
CA PRO A 78 -22.97 -5.72 13.11
C PRO A 78 -21.59 -5.09 12.87
N TYR A 79 -20.73 -5.05 13.88
CA TYR A 79 -19.33 -4.63 13.69
C TYR A 79 -19.22 -3.19 13.19
N THR A 80 -20.03 -2.32 13.75
CA THR A 80 -20.15 -0.97 13.20
C THR A 80 -18.85 -0.18 13.41
N ILE A 81 -18.42 0.51 12.36
CA ILE A 81 -17.25 1.37 12.43
C ILE A 81 -17.61 2.67 13.16
N ASP A 82 -16.76 3.07 14.10
CA ASP A 82 -16.97 4.28 14.86
C ASP A 82 -17.28 5.47 13.94
N PRO A 83 -18.38 6.19 14.15
CA PRO A 83 -18.71 7.28 13.22
C PRO A 83 -17.66 8.38 13.15
N ALA A 84 -17.03 8.74 14.27
CA ALA A 84 -16.03 9.81 14.20
C ALA A 84 -14.81 9.38 13.39
N PHE A 85 -14.39 8.10 13.54
CA PHE A 85 -13.27 7.63 12.73
C PHE A 85 -13.65 7.59 11.25
N PHE A 86 -14.85 7.07 10.96
CA PHE A 86 -15.31 7.03 9.59
C PHE A 86 -15.29 8.42 8.96
N SER A 87 -15.73 9.44 9.72
CA SER A 87 -15.75 10.79 9.18
C SER A 87 -14.35 11.29 8.89
N ARG A 88 -13.35 10.88 9.68
CA ARG A 88 -11.96 11.24 9.38
C ARG A 88 -11.49 10.65 8.04
N VAL A 89 -11.84 9.39 7.80
CA VAL A 89 -11.51 8.79 6.50
C VAL A 89 -12.25 9.49 5.36
N ASP A 90 -13.53 9.83 5.57
CA ASP A 90 -14.29 10.59 4.60
C ASP A 90 -13.52 11.85 4.22
N TRP A 91 -13.03 12.56 5.25
CA TRP A 91 -12.32 13.80 5.01
C TRP A 91 -11.07 13.57 4.16
N ALA A 92 -10.28 12.54 4.49
CA ALA A 92 -9.09 12.28 3.69
C ALA A 92 -9.43 11.98 2.23
N VAL A 93 -10.43 11.12 2.02
CA VAL A 93 -10.84 10.76 0.66
C VAL A 93 -11.27 12.00 -0.10
N THR A 94 -12.11 12.82 0.54
CA THR A 94 -12.67 13.98 -0.12
C THR A 94 -11.60 15.02 -0.42
N GLN A 95 -10.68 15.23 0.52
CA GLN A 95 -9.66 16.24 0.30
C GLN A 95 -8.68 15.80 -0.78
N ALA A 96 -8.22 14.56 -0.73
CA ALA A 96 -7.36 14.07 -1.81
C ALA A 96 -8.06 14.19 -3.17
N THR A 97 -9.32 13.74 -3.24
CA THR A 97 -10.03 13.72 -4.53
C THR A 97 -10.23 15.12 -5.06
N ARG A 98 -10.68 16.04 -4.19
CA ARG A 98 -10.94 17.40 -4.68
C ARG A 98 -9.68 18.06 -5.15
N ARG A 99 -8.54 17.71 -4.56
CA ARG A 99 -7.28 18.32 -4.91
C ARG A 99 -6.58 17.58 -6.04
N GLY A 100 -7.27 16.67 -6.72
CA GLY A 100 -6.79 16.10 -7.95
C GLY A 100 -5.88 14.89 -7.80
N LEU A 101 -5.86 14.29 -6.64
CA LEU A 101 -5.06 13.09 -6.38
C LEU A 101 -5.95 11.86 -6.40
N ASN A 102 -5.42 10.75 -6.89
CA ASN A 102 -6.09 9.47 -6.67
C ASN A 102 -5.88 9.08 -5.21
N ILE A 103 -6.78 8.25 -4.68
CA ILE A 103 -6.58 7.75 -3.33
C ILE A 103 -6.92 6.27 -3.28
N VAL A 104 -6.01 5.49 -2.71
CA VAL A 104 -6.19 4.05 -2.48
C VAL A 104 -6.58 3.89 -1.02
N VAL A 105 -7.81 3.41 -0.76
CA VAL A 105 -8.29 3.14 0.58
C VAL A 105 -8.18 1.64 0.82
N ASN A 106 -7.45 1.23 1.85
CA ASN A 106 -7.29 -0.19 2.12
C ASN A 106 -7.86 -0.59 3.47
N VAL A 107 -7.76 -1.88 3.77
CA VAL A 107 -7.75 -2.41 5.12
C VAL A 107 -6.31 -2.80 5.38
N HIS A 108 -5.73 -2.29 6.47
CA HIS A 108 -4.27 -2.33 6.61
C HIS A 108 -3.88 -3.35 7.67
N HIS A 109 -3.45 -2.94 8.87
CA HIS A 109 -3.12 -3.96 9.87
C HIS A 109 -4.38 -4.58 10.42
N TYR A 110 -4.34 -5.88 10.67
CA TYR A 110 -5.55 -6.56 11.14
C TYR A 110 -5.08 -7.86 11.77
N ASP A 111 -4.54 -7.75 12.97
CA ASP A 111 -3.84 -8.91 13.55
C ASP A 111 -4.79 -10.09 13.67
N GLU A 112 -6.06 -9.80 14.01
CA GLU A 112 -7.02 -10.84 14.29
C GLU A 112 -7.32 -11.66 13.03
N LEU A 113 -7.39 -10.99 11.89
CA LEU A 113 -7.74 -11.66 10.63
C LEU A 113 -6.56 -12.49 10.12
N ASN A 114 -5.35 -11.95 10.14
CA ASN A 114 -4.18 -12.72 9.75
C ASN A 114 -4.01 -13.94 10.65
N ALA A 115 -4.27 -13.81 11.95
CA ALA A 115 -4.10 -14.98 12.82
C ALA A 115 -5.19 -16.02 12.59
N ASN A 116 -6.44 -15.59 12.38
CA ASN A 116 -7.57 -16.51 12.31
C ASN A 116 -8.58 -16.10 11.25
N PRO A 117 -8.26 -16.32 9.98
CA PRO A 117 -9.14 -15.85 8.89
C PRO A 117 -10.56 -16.33 8.98
N GLN A 118 -10.77 -17.60 9.34
CA GLN A 118 -12.13 -18.14 9.36
C GLN A 118 -12.95 -17.49 10.47
N ALA A 119 -12.37 -17.33 11.66
CA ALA A 119 -13.09 -16.75 12.79
C ALA A 119 -13.38 -15.28 12.57
N GLU A 120 -12.45 -14.54 11.98
CA GLU A 120 -12.58 -13.10 11.86
C GLU A 120 -13.27 -12.68 10.57
N GLU A 121 -13.61 -13.64 9.70
CA GLU A 121 -14.18 -13.34 8.39
C GLU A 121 -15.42 -12.44 8.48
N ALA A 122 -16.37 -12.79 9.35
CA ALA A 122 -17.62 -12.04 9.43
C ALA A 122 -17.36 -10.55 9.69
N ARG A 123 -16.50 -10.25 10.65
CA ARG A 123 -16.20 -8.85 10.96
C ARG A 123 -15.48 -8.17 9.80
N TYR A 124 -14.53 -8.84 9.15
CA TYR A 124 -13.83 -8.22 8.03
C TYR A 124 -14.78 -7.94 6.86
N LEU A 125 -15.67 -8.87 6.56
CA LEU A 125 -16.62 -8.66 5.46
C LEU A 125 -17.62 -7.56 5.78
N SER A 126 -18.00 -7.44 7.07
CA SER A 126 -18.86 -6.32 7.47
C SER A 126 -18.14 -4.99 7.29
N ILE A 127 -16.86 -4.95 7.65
CA ILE A 127 -16.07 -3.74 7.44
C ILE A 127 -16.05 -3.38 5.96
N TRP A 128 -15.79 -4.35 5.08
CA TRP A 128 -15.80 -4.04 3.64
C TRP A 128 -17.18 -3.60 3.15
N ARG A 129 -18.26 -4.22 3.65
CA ARG A 129 -19.58 -3.76 3.23
C ARG A 129 -19.80 -2.31 3.61
N GLN A 130 -19.41 -1.95 4.84
CA GLN A 130 -19.58 -0.57 5.29
C GLN A 130 -18.77 0.39 4.42
N ILE A 131 -17.51 0.06 4.15
CA ILE A 131 -16.69 0.94 3.33
C ILE A 131 -17.26 1.06 1.91
N ALA A 132 -17.53 -0.09 1.28
CA ALA A 132 -18.04 -0.10 -0.10
C ALA A 132 -19.36 0.67 -0.21
N GLU A 133 -20.31 0.43 0.69
CA GLU A 133 -21.57 1.15 0.58
C GLU A 133 -21.38 2.64 0.77
N ARG A 134 -20.52 3.02 1.71
CA ARG A 134 -20.34 4.44 1.99
C ARG A 134 -19.70 5.18 0.82
N TYR A 135 -18.79 4.53 0.11
CA TYR A 135 -18.00 5.18 -0.93
C TYR A 135 -18.45 4.78 -2.33
N ARG A 136 -19.65 4.20 -2.45
CA ARG A 136 -20.07 3.66 -3.75
C ARG A 136 -20.11 4.73 -4.85
N ASN A 137 -20.40 5.99 -4.48
CA ASN A 137 -20.52 7.05 -5.48
C ASN A 137 -19.24 7.83 -5.72
N GLN A 138 -18.12 7.45 -5.09
CA GLN A 138 -16.87 8.16 -5.33
C GLN A 138 -16.41 7.94 -6.78
N PRO A 139 -15.67 8.88 -7.36
CA PRO A 139 -15.19 8.71 -8.74
C PRO A 139 -14.12 7.63 -8.86
N GLY A 140 -13.75 7.35 -10.12
CA GLY A 140 -12.79 6.30 -10.42
C GLY A 140 -11.38 6.57 -9.92
N SER A 141 -11.11 7.79 -9.44
CA SER A 141 -9.82 8.05 -8.82
C SER A 141 -9.72 7.50 -7.41
N VAL A 142 -10.82 6.94 -6.88
CA VAL A 142 -10.82 6.27 -5.58
C VAL A 142 -10.78 4.76 -5.82
N TYR A 143 -9.76 4.11 -5.26
CA TYR A 143 -9.50 2.70 -5.46
C TYR A 143 -9.64 2.00 -4.11
N PHE A 144 -10.10 0.73 -4.13
CA PHE A 144 -10.20 -0.07 -2.91
C PHE A 144 -9.08 -1.11 -2.94
N GLU A 145 -8.50 -1.40 -1.78
CA GLU A 145 -7.43 -2.41 -1.65
C GLU A 145 -7.81 -3.37 -0.52
N LEU A 146 -8.04 -4.66 -0.86
CA LEU A 146 -8.76 -5.57 0.03
C LEU A 146 -8.05 -5.85 1.35
N LEU A 147 -6.74 -6.19 1.32
CA LEU A 147 -6.05 -6.46 2.59
C LEU A 147 -4.55 -6.27 2.43
N ASN A 148 -3.99 -5.31 3.18
CA ASN A 148 -2.54 -5.13 3.18
C ASN A 148 -1.82 -6.39 3.65
N GLU A 149 -0.77 -6.75 2.93
CA GLU A 149 0.19 -7.77 3.36
C GLU A 149 -0.39 -8.96 4.14
N PRO A 150 -1.22 -9.79 3.53
CA PRO A 150 -1.70 -10.99 4.24
C PRO A 150 -0.52 -11.82 4.75
N HIS A 151 -0.62 -12.29 5.99
CA HIS A 151 0.43 -13.13 6.57
C HIS A 151 -0.23 -14.08 7.57
N GLY A 152 0.55 -14.57 8.54
CA GLY A 152 -0.06 -15.42 9.55
C GLY A 152 -0.60 -16.71 8.94
N ARG A 153 -1.86 -17.04 9.23
CA ARG A 153 -2.42 -18.27 8.68
C ARG A 153 -2.55 -18.24 7.17
N PHE A 154 -2.64 -17.04 6.57
CA PHE A 154 -2.60 -16.93 5.12
C PHE A 154 -1.26 -17.39 4.55
N ASN A 155 -0.17 -17.23 5.30
CA ASN A 155 1.11 -17.78 4.86
C ASN A 155 1.11 -19.29 4.94
N ASP A 156 0.46 -19.86 5.97
CA ASP A 156 0.43 -21.31 6.13
C ASP A 156 -0.38 -21.97 5.02
N ASN A 157 -1.46 -21.32 4.59
CA ASN A 157 -2.33 -21.82 3.53
C ASN A 157 -2.78 -20.65 2.66
N PRO A 158 -2.07 -20.38 1.56
CA PRO A 158 -2.42 -19.24 0.69
C PRO A 158 -3.82 -19.36 0.09
N GLN A 159 -4.37 -20.58 0.02
CA GLN A 159 -5.72 -20.72 -0.49
C GLN A 159 -6.75 -20.09 0.44
N LEU A 160 -6.45 -19.97 1.73
CA LEU A 160 -7.36 -19.23 2.61
C LEU A 160 -7.53 -17.79 2.13
N TRP A 161 -6.45 -17.20 1.64
CA TRP A 161 -6.57 -15.83 1.12
C TRP A 161 -7.28 -15.80 -0.23
N ASN A 162 -6.98 -16.75 -1.13
CA ASN A 162 -7.74 -16.80 -2.38
C ASN A 162 -9.26 -16.88 -2.12
N ASP A 163 -9.63 -17.71 -1.15
CA ASP A 163 -11.06 -17.87 -0.84
C ASP A 163 -11.63 -16.60 -0.25
N LEU A 164 -10.91 -16.00 0.72
CA LEU A 164 -11.43 -14.82 1.40
C LEU A 164 -11.49 -13.61 0.48
N LEU A 165 -10.47 -13.41 -0.36
CA LEU A 165 -10.47 -12.23 -1.24
C LEU A 165 -11.65 -12.32 -2.21
N ALA A 166 -11.99 -13.53 -2.66
CA ALA A 166 -13.17 -13.66 -3.53
C ALA A 166 -14.44 -13.25 -2.80
N LYS A 167 -14.57 -13.65 -1.52
CA LYS A 167 -15.73 -13.23 -0.74
C LYS A 167 -15.79 -11.71 -0.59
N ALA A 168 -14.63 -11.09 -0.31
CA ALA A 168 -14.61 -9.65 -0.11
C ALA A 168 -14.89 -8.90 -1.40
N LEU A 169 -14.35 -9.40 -2.53
CA LEU A 169 -14.64 -8.77 -3.81
C LEU A 169 -16.12 -8.84 -4.13
N ARG A 170 -16.75 -9.98 -3.83
CA ARG A 170 -18.19 -10.12 -4.04
C ARG A 170 -18.97 -9.09 -3.22
N VAL A 171 -18.59 -8.91 -1.94
CA VAL A 171 -19.20 -7.86 -1.13
C VAL A 171 -19.05 -6.49 -1.77
N VAL A 172 -17.84 -6.15 -2.18
CA VAL A 172 -17.58 -4.84 -2.76
C VAL A 172 -18.42 -4.64 -4.02
N ARG A 173 -18.51 -5.69 -4.85
CA ARG A 173 -19.16 -5.57 -6.14
C ARG A 173 -20.66 -5.43 -6.02
N GLU A 174 -21.22 -5.79 -4.88
CA GLU A 174 -22.66 -5.56 -4.71
C GLU A 174 -23.02 -4.08 -4.80
N SER A 175 -22.13 -3.19 -4.35
CA SER A 175 -22.39 -1.76 -4.41
C SER A 175 -21.47 -0.99 -5.37
N ASN A 176 -20.33 -1.57 -5.77
CA ASN A 176 -19.33 -0.92 -6.61
C ASN A 176 -18.99 -1.88 -7.74
N PRO A 177 -19.80 -1.91 -8.80
CA PRO A 177 -19.63 -2.95 -9.83
C PRO A 177 -18.36 -2.84 -10.62
N SER A 178 -17.82 -1.63 -10.79
CA SER A 178 -16.69 -1.41 -11.69
C SER A 178 -15.46 -0.80 -11.04
N ARG A 179 -15.51 -0.44 -9.77
CA ARG A 179 -14.37 0.24 -9.17
C ARG A 179 -13.12 -0.64 -9.22
N ALA A 180 -11.98 0.00 -9.50
CA ALA A 180 -10.72 -0.74 -9.45
C ALA A 180 -10.48 -1.28 -8.04
N VAL A 181 -10.19 -2.57 -7.93
CA VAL A 181 -9.94 -3.22 -6.64
C VAL A 181 -8.53 -3.82 -6.69
N ILE A 182 -7.72 -3.53 -5.68
CA ILE A 182 -6.29 -3.88 -5.63
C ILE A 182 -6.12 -5.09 -4.72
N VAL A 183 -5.46 -6.13 -5.24
CA VAL A 183 -5.35 -7.43 -4.57
C VAL A 183 -3.90 -7.88 -4.67
N GLY A 184 -3.31 -8.27 -3.54
CA GLY A 184 -1.94 -8.79 -3.52
C GLY A 184 -1.85 -10.23 -3.05
N PRO A 185 -0.64 -10.82 -3.17
CA PRO A 185 -0.42 -12.19 -2.70
C PRO A 185 -0.09 -12.26 -1.21
N VAL A 186 0.05 -13.48 -0.68
CA VAL A 186 0.43 -13.65 0.72
C VAL A 186 1.94 -13.40 0.90
N GLY A 187 2.51 -13.85 2.03
CA GLY A 187 3.90 -13.55 2.32
C GLY A 187 4.15 -12.07 2.53
N TRP A 188 3.19 -11.38 3.15
CA TRP A 188 3.24 -9.92 3.28
C TRP A 188 3.31 -9.22 1.91
N ASN A 189 2.46 -9.65 0.99
CA ASN A 189 2.48 -9.16 -0.40
C ASN A 189 3.85 -9.39 -1.05
N SER A 190 4.39 -10.61 -0.89
CA SER A 190 5.64 -10.98 -1.55
C SER A 190 5.36 -11.35 -3.01
N LEU A 191 6.15 -10.77 -3.94
CA LEU A 191 5.92 -11.10 -5.36
C LEU A 191 6.14 -12.58 -5.63
N TRP A 192 6.97 -13.26 -4.85
CA TRP A 192 7.18 -14.68 -5.12
C TRP A 192 5.92 -15.49 -4.87
N ARG A 193 5.03 -14.97 -4.04
CA ARG A 193 3.78 -15.65 -3.74
C ARG A 193 2.69 -15.36 -4.75
N LEU A 194 2.97 -14.56 -5.78
CA LEU A 194 2.04 -14.52 -6.90
C LEU A 194 1.76 -15.91 -7.45
N SER A 195 2.74 -16.82 -7.35
CA SER A 195 2.55 -18.18 -7.84
C SER A 195 1.33 -18.87 -7.23
N GLU A 196 1.01 -18.56 -5.96
CA GLU A 196 -0.12 -19.22 -5.33
C GLU A 196 -1.40 -18.40 -5.36
N LEU A 197 -1.33 -17.15 -5.80
CA LEU A 197 -2.49 -16.28 -5.85
C LEU A 197 -3.43 -16.75 -6.96
N ARG A 198 -4.74 -16.73 -6.68
CA ARG A 198 -5.74 -17.09 -7.67
C ARG A 198 -6.85 -16.06 -7.57
N LEU A 199 -7.25 -15.51 -8.70
CA LEU A 199 -8.19 -14.41 -8.69
C LEU A 199 -9.46 -14.77 -9.44
N PRO A 200 -10.59 -14.19 -9.05
CA PRO A 200 -11.84 -14.39 -9.78
C PRO A 200 -11.76 -13.78 -11.17
N ASP A 201 -12.73 -14.16 -11.99
CA ASP A 201 -12.90 -13.64 -13.33
C ASP A 201 -13.62 -12.29 -13.22
N ASP A 202 -12.86 -11.28 -12.82
CA ASP A 202 -13.36 -9.92 -12.69
C ASP A 202 -12.39 -9.03 -13.46
N PRO A 203 -12.86 -8.18 -14.36
CA PRO A 203 -11.96 -7.43 -15.25
C PRO A 203 -11.43 -6.13 -14.65
N ASN A 204 -11.74 -5.83 -13.38
CA ASN A 204 -11.31 -4.56 -12.82
C ASN A 204 -10.47 -4.77 -11.58
N LEU A 205 -9.52 -5.69 -11.66
CA LEU A 205 -8.56 -5.95 -10.59
C LEU A 205 -7.17 -5.46 -10.98
N ILE A 206 -6.49 -4.84 -10.02
CA ILE A 206 -5.10 -4.47 -10.13
C ILE A 206 -4.34 -5.32 -9.11
N VAL A 207 -3.26 -5.96 -9.54
CA VAL A 207 -2.51 -6.81 -8.63
C VAL A 207 -1.39 -5.98 -8.01
N THR A 208 -1.14 -6.18 -6.71
CA THR A 208 -0.08 -5.46 -6.02
C THR A 208 0.91 -6.40 -5.35
N PHE A 209 2.13 -5.91 -5.19
CA PHE A 209 3.09 -6.52 -4.27
C PHE A 209 3.88 -5.39 -3.62
N HIS A 210 4.63 -5.72 -2.58
CA HIS A 210 5.48 -4.75 -1.90
C HIS A 210 6.92 -5.21 -2.06
N TYR A 211 7.86 -4.26 -2.02
CA TYR A 211 9.25 -4.59 -2.28
C TYR A 211 10.16 -3.96 -1.23
N TYR A 212 10.79 -4.81 -0.41
CA TYR A 212 11.68 -4.36 0.65
C TYR A 212 12.96 -5.19 0.71
N ASP A 213 13.25 -5.99 -0.31
CA ASP A 213 14.49 -6.78 -0.31
C ASP A 213 15.68 -5.85 -0.57
N PRO A 214 16.82 -6.06 0.13
CA PRO A 214 16.96 -7.01 1.24
C PRO A 214 16.46 -6.42 2.55
N LEU A 215 15.68 -7.22 3.30
CA LEU A 215 15.14 -6.75 4.56
C LEU A 215 16.24 -6.35 5.54
N GLU A 216 17.40 -7.03 5.49
CA GLU A 216 18.50 -6.66 6.37
C GLU A 216 18.96 -5.24 6.14
N PHE A 217 18.76 -4.72 4.93
CA PHE A 217 19.12 -3.34 4.68
C PHE A 217 17.93 -2.40 4.91
N THR A 218 16.77 -2.71 4.30
CA THR A 218 15.65 -1.75 4.33
C THR A 218 15.04 -1.64 5.72
N HIS A 219 15.17 -2.69 6.53
CA HIS A 219 14.58 -2.72 7.85
C HIS A 219 15.64 -2.85 8.94
N GLN A 220 16.87 -2.41 8.67
CA GLN A 220 17.89 -2.48 9.69
C GLN A 220 17.50 -1.61 10.89
N GLY A 221 17.59 -2.17 12.08
CA GLY A 221 17.21 -1.47 13.29
C GLY A 221 15.71 -1.33 13.49
N ALA A 222 14.88 -1.99 12.68
CA ALA A 222 13.43 -1.86 12.79
C ALA A 222 12.94 -2.60 14.03
N GLU A 223 12.57 -1.85 15.07
CA GLU A 223 12.24 -2.47 16.36
C GLU A 223 10.94 -3.24 16.32
N TRP A 224 10.08 -2.96 15.35
CA TRP A 224 8.83 -3.69 15.22
C TRP A 224 9.01 -5.07 14.63
N LEU A 225 10.22 -5.46 14.26
CA LEU A 225 10.50 -6.81 13.81
C LEU A 225 11.11 -7.63 14.94
N ASN A 226 10.92 -8.94 14.87
CA ASN A 226 11.62 -9.85 15.77
C ASN A 226 12.05 -11.06 14.96
N PRO A 227 13.36 -11.30 14.82
CA PRO A 227 14.43 -10.51 15.47
C PRO A 227 14.62 -9.13 14.82
N VAL A 228 15.22 -8.19 15.56
CA VAL A 228 15.53 -6.86 15.06
C VAL A 228 16.85 -6.91 14.29
N PRO A 229 16.84 -6.62 12.98
CA PRO A 229 18.06 -6.70 12.20
C PRO A 229 19.07 -5.66 12.66
N PRO A 230 20.36 -5.99 12.68
CA PRO A 230 21.36 -5.03 13.14
C PRO A 230 21.51 -3.87 12.17
N THR A 231 22.03 -2.76 12.68
CA THR A 231 22.30 -1.60 11.83
C THR A 231 23.72 -1.63 11.28
N GLY A 232 24.09 -0.56 10.57
CA GLY A 232 25.37 -0.48 9.93
C GLY A 232 25.47 -1.21 8.62
N VAL A 233 24.33 -1.49 7.96
CA VAL A 233 24.32 -2.26 6.72
C VAL A 233 24.28 -1.29 5.56
N VAL A 234 25.20 -1.43 4.63
CA VAL A 234 25.26 -0.59 3.45
C VAL A 234 24.68 -1.35 2.28
N TRP A 235 24.33 -0.64 1.21
CA TRP A 235 23.72 -1.28 0.06
C TRP A 235 24.23 -0.67 -1.24
N HIS A 236 24.47 -1.54 -2.23
CA HIS A 236 24.66 -1.11 -3.61
C HIS A 236 23.98 -2.11 -4.52
N GLN A 237 23.72 -1.67 -5.76
CA GLN A 237 22.92 -2.45 -6.69
C GLN A 237 23.73 -3.57 -7.32
N GLN A 238 23.12 -4.75 -7.36
CA GLN A 238 23.59 -5.90 -8.13
C GLN A 238 22.49 -6.23 -9.14
N ASN A 239 21.92 -7.44 -9.09
CA ASN A 239 20.90 -7.86 -10.05
C ASN A 239 19.57 -8.26 -9.43
N ALA A 240 19.46 -8.25 -8.09
CA ALA A 240 18.27 -8.79 -7.45
C ALA A 240 17.01 -8.00 -7.81
N ILE A 241 17.11 -6.67 -7.89
CA ILE A 241 15.92 -5.87 -8.22
C ILE A 241 15.42 -6.22 -9.61
N ALA A 242 16.32 -6.25 -10.60
CA ALA A 242 15.89 -6.57 -11.95
C ALA A 242 15.27 -7.97 -12.02
N GLN A 243 15.89 -8.93 -11.32
CA GLN A 243 15.35 -10.31 -11.34
C GLN A 243 13.93 -10.35 -10.77
N ALA A 244 13.70 -9.65 -9.64
CA ALA A 244 12.39 -9.67 -9.01
C ALA A 244 11.33 -9.01 -9.91
N MET A 245 11.67 -7.86 -10.48
CA MET A 245 10.64 -7.16 -11.25
C MET A 245 10.35 -7.88 -12.56
N GLU A 246 11.34 -8.58 -13.12
CA GLU A 246 11.06 -9.32 -14.33
C GLU A 246 10.16 -10.51 -14.03
N PHE A 247 10.38 -11.19 -12.90
CA PHE A 247 9.45 -12.24 -12.51
C PHE A 247 8.03 -11.69 -12.41
N ALA A 248 7.89 -10.55 -11.75
CA ALA A 248 6.53 -10.04 -11.55
C ALA A 248 5.88 -9.61 -12.85
N GLN A 249 6.64 -8.98 -13.74
CA GLN A 249 6.08 -8.60 -15.03
C GLN A 249 5.63 -9.80 -15.85
N ARG A 250 6.41 -10.89 -15.86
CA ARG A 250 5.98 -12.07 -16.60
C ARG A 250 4.71 -12.67 -16.00
N TRP A 251 4.62 -12.69 -14.67
CA TRP A 251 3.39 -13.16 -14.05
C TRP A 251 2.21 -12.29 -14.49
N ALA A 252 2.41 -10.97 -14.48
CA ALA A 252 1.31 -10.09 -14.81
C ALA A 252 0.90 -10.22 -16.27
N GLU A 253 1.87 -10.45 -17.16
CA GLU A 253 1.55 -10.67 -18.57
C GLU A 253 0.81 -11.98 -18.77
N GLN A 254 1.29 -13.06 -18.17
CA GLN A 254 0.65 -14.35 -18.33
C GLN A 254 -0.78 -14.31 -17.82
N ASN A 255 -1.02 -13.55 -16.74
CA ASN A 255 -2.32 -13.54 -16.09
C ASN A 255 -3.16 -12.32 -16.48
N ARG A 256 -2.63 -11.45 -17.34
CA ARG A 256 -3.35 -10.30 -17.89
C ARG A 256 -3.91 -9.38 -16.79
N ARG A 257 -3.03 -9.00 -15.86
CA ARG A 257 -3.37 -8.09 -14.79
C ARG A 257 -2.36 -6.94 -14.78
N PRO A 258 -2.80 -5.70 -14.54
CA PRO A 258 -1.85 -4.60 -14.31
C PRO A 258 -1.26 -4.70 -12.92
N ILE A 259 -0.12 -4.03 -12.72
CA ILE A 259 0.65 -4.10 -11.47
C ILE A 259 0.82 -2.72 -10.85
N PHE A 260 0.61 -2.65 -9.53
CA PHE A 260 0.82 -1.49 -8.67
C PHE A 260 1.67 -1.96 -7.51
N VAL A 261 2.86 -1.39 -7.35
CA VAL A 261 3.72 -1.79 -6.25
C VAL A 261 3.49 -0.80 -5.11
N GLY A 262 2.64 -1.18 -4.15
CA GLY A 262 2.06 -0.23 -3.20
C GLY A 262 2.92 0.19 -2.02
N GLU A 263 4.09 -0.43 -1.84
CA GLU A 263 5.05 0.01 -0.83
C GLU A 263 6.43 -0.42 -1.29
N PHE A 264 7.38 0.50 -1.15
CA PHE A 264 8.81 0.21 -1.15
C PHE A 264 9.50 1.37 -0.46
N GLY A 265 10.57 1.07 0.26
CA GLY A 265 11.30 2.14 0.94
C GLY A 265 12.32 1.60 1.93
N ALA A 266 13.26 2.44 2.36
CA ALA A 266 14.33 2.00 3.27
C ALA A 266 14.35 2.86 4.52
N TYR A 267 14.42 2.21 5.70
CA TYR A 267 14.29 2.92 6.96
C TYR A 267 15.49 3.82 7.24
N GLU A 268 15.25 4.93 7.97
CA GLU A 268 16.26 5.97 8.18
C GLU A 268 17.47 5.52 9.02
N LYS A 269 17.43 4.35 9.64
CA LYS A 269 18.62 3.88 10.35
C LYS A 269 19.71 3.42 9.42
N GLY A 270 19.40 3.18 8.13
CA GLY A 270 20.45 3.01 7.14
C GLY A 270 21.04 4.33 6.68
N ASP A 271 22.29 4.28 6.21
CA ASP A 271 22.95 5.51 5.76
C ASP A 271 22.25 6.09 4.54
N LEU A 272 22.16 7.42 4.50
CA LEU A 272 21.34 8.09 3.49
C LEU A 272 21.75 7.70 2.06
N ASP A 273 23.06 7.66 1.78
CA ASP A 273 23.47 7.41 0.39
C ASP A 273 23.07 6.02 -0.07
N SER A 274 23.18 5.02 0.82
CA SER A 274 22.67 3.69 0.51
C SER A 274 21.17 3.71 0.25
N ARG A 275 20.41 4.41 1.11
CA ARG A 275 18.96 4.47 0.93
C ARG A 275 18.60 5.13 -0.40
N VAL A 276 19.34 6.17 -0.79
CA VAL A 276 19.09 6.83 -2.07
C VAL A 276 19.40 5.92 -3.25
N ARG A 277 20.55 5.22 -3.20
CA ARG A 277 20.86 4.22 -4.22
C ARG A 277 19.71 3.24 -4.40
N TRP A 278 19.25 2.67 -3.28
CA TRP A 278 18.21 1.63 -3.30
C TRP A 278 16.89 2.19 -3.82
N THR A 279 16.49 3.37 -3.34
CA THR A 279 15.20 3.94 -3.73
C THR A 279 15.17 4.25 -5.21
N GLY A 280 16.25 4.85 -5.73
CA GLY A 280 16.30 5.16 -7.14
C GLY A 280 16.32 3.89 -8.00
N ALA A 281 17.09 2.89 -7.56
CA ALA A 281 17.16 1.65 -8.32
C ALA A 281 15.80 0.97 -8.41
N VAL A 282 15.08 0.94 -7.30
CA VAL A 282 13.75 0.33 -7.30
C VAL A 282 12.81 1.14 -8.18
N ARG A 283 12.74 2.47 -8.00
CA ARG A 283 11.80 3.26 -8.79
C ARG A 283 12.09 3.09 -10.28
N SER A 284 13.36 3.13 -10.66
CA SER A 284 13.71 2.97 -12.07
C SER A 284 13.21 1.64 -12.61
N GLU A 285 13.40 0.55 -11.85
CA GLU A 285 13.00 -0.75 -12.38
C GLU A 285 11.49 -0.88 -12.44
N LEU A 286 10.78 -0.32 -11.45
CA LEU A 286 9.31 -0.33 -11.47
C LEU A 286 8.81 0.33 -12.75
N GLU A 287 9.33 1.51 -13.06
CA GLU A 287 8.82 2.23 -14.23
C GLU A 287 9.25 1.58 -15.53
N LYS A 288 10.46 0.96 -15.57
CA LYS A 288 10.85 0.18 -16.75
C LYS A 288 9.82 -0.89 -17.06
N ARG A 289 9.20 -1.48 -16.04
CA ARG A 289 8.25 -2.57 -16.17
C ARG A 289 6.80 -2.08 -16.25
N ASN A 290 6.56 -0.77 -16.30
CA ASN A 290 5.21 -0.19 -16.38
C ASN A 290 4.38 -0.49 -15.15
N PHE A 291 5.04 -0.54 -14.01
CA PHE A 291 4.34 -0.70 -12.73
C PHE A 291 4.05 0.68 -12.16
N SER A 292 2.79 0.92 -11.77
CA SER A 292 2.52 2.07 -10.92
C SER A 292 3.06 1.75 -9.53
N TRP A 293 3.16 2.78 -8.67
CA TRP A 293 3.80 2.53 -7.37
C TRP A 293 3.47 3.57 -6.33
N ALA A 294 3.63 3.19 -5.06
CA ALA A 294 3.54 4.14 -3.95
C ALA A 294 4.69 3.90 -3.00
N TYR A 295 5.45 4.96 -2.74
CA TYR A 295 6.60 4.91 -1.85
C TYR A 295 6.13 4.84 -0.39
N TRP A 296 6.86 4.07 0.42
CA TRP A 296 6.66 4.03 1.87
C TRP A 296 7.80 4.84 2.51
N GLU A 297 7.52 6.03 3.08
CA GLU A 297 6.24 6.71 3.16
C GLU A 297 6.50 8.23 3.23
N PHE A 298 5.45 9.01 3.49
CA PHE A 298 5.54 10.46 3.35
C PHE A 298 6.47 11.11 4.40
N ALA A 299 6.17 10.94 5.69
CA ALA A 299 6.68 11.86 6.70
C ALA A 299 7.37 11.25 7.92
N ALA A 300 7.39 9.92 8.06
CA ALA A 300 7.92 9.34 9.29
C ALA A 300 9.33 8.79 9.11
N GLY A 301 9.61 7.61 9.67
CA GLY A 301 10.97 7.08 9.67
C GLY A 301 11.47 6.59 8.33
N PHE A 302 10.60 6.49 7.33
CA PHE A 302 10.99 6.28 5.94
C PHE A 302 10.72 7.51 5.11
N GLY A 303 10.44 8.65 5.75
CA GLY A 303 9.81 9.75 5.05
C GLY A 303 10.71 10.48 4.05
N ILE A 304 10.05 11.06 3.04
CA ILE A 304 10.68 12.03 2.15
C ILE A 304 10.44 13.46 2.57
N TYR A 305 9.66 13.69 3.62
CA TYR A 305 9.33 15.05 4.05
C TYR A 305 9.56 15.13 5.55
N ASP A 306 10.31 16.13 5.99
CA ASP A 306 10.62 16.30 7.41
C ASP A 306 9.72 17.42 7.96
N ARG A 307 8.71 17.02 8.74
CA ARG A 307 7.80 18.04 9.26
C ARG A 307 8.45 18.93 10.30
N THR A 308 9.54 18.48 10.94
CA THR A 308 10.16 19.31 11.97
C THR A 308 10.79 20.56 11.35
N THR A 309 11.40 20.44 10.17
CA THR A 309 11.99 21.58 9.49
C THR A 309 11.15 22.08 8.34
N ARG A 310 10.09 21.33 7.99
CA ARG A 310 9.22 21.62 6.85
C ARG A 310 10.01 21.66 5.54
N GLN A 311 10.86 20.65 5.37
CA GLN A 311 11.75 20.55 4.22
C GLN A 311 11.67 19.15 3.66
N TRP A 312 11.74 19.04 2.33
CA TRP A 312 11.90 17.75 1.68
C TRP A 312 13.29 17.20 1.92
N ARG A 313 13.38 15.87 1.97
CA ARG A 313 14.68 15.20 2.03
C ARG A 313 15.11 15.03 0.58
N THR A 314 15.75 16.08 0.06
CA THR A 314 15.98 16.22 -1.38
C THR A 314 16.56 14.99 -2.07
N PRO A 315 17.62 14.36 -1.57
CA PRO A 315 18.19 13.21 -2.30
C PRO A 315 17.22 12.05 -2.48
N LEU A 316 16.38 11.81 -1.48
CA LEU A 316 15.39 10.75 -1.57
C LEU A 316 14.23 11.13 -2.49
N LEU A 317 13.72 12.37 -2.36
CA LEU A 317 12.69 12.84 -3.28
C LEU A 317 13.17 12.76 -4.73
N LYS A 318 14.42 13.16 -4.99
CA LYS A 318 14.87 13.17 -6.38
C LYS A 318 15.17 11.77 -6.88
N ALA A 319 15.40 10.81 -5.98
CA ALA A 319 15.48 9.41 -6.43
C ALA A 319 14.12 8.90 -6.88
N LEU A 320 13.04 9.47 -6.33
CA LEU A 320 11.67 9.11 -6.74
C LEU A 320 11.16 9.88 -7.96
N VAL A 321 11.49 11.16 -8.03
CA VAL A 321 10.96 12.08 -9.03
C VAL A 321 12.20 12.76 -9.60
N PRO A 322 12.91 12.09 -10.49
CA PRO A 322 14.17 12.66 -11.00
C PRO A 322 13.91 13.81 -11.96
N GLU A 323 14.88 14.74 -12.02
CA GLU A 323 14.76 15.88 -12.92
C GLU A 323 14.99 15.54 -14.37
N GLN A 324 15.71 14.45 -14.64
CA GLN A 324 15.99 13.99 -15.98
C GLN A 324 15.78 12.48 -15.97
N PRO A 325 15.36 11.91 -17.10
CA PRO A 325 14.86 10.52 -17.06
C PRO A 325 15.86 9.47 -16.64
N LYS A 326 17.17 9.69 -16.83
CA LYS A 326 18.17 8.69 -16.46
C LYS A 326 18.84 8.99 -15.12
N LEU A 327 18.35 9.97 -14.37
CA LEU A 327 18.88 10.30 -13.04
C LEU A 327 18.09 9.63 -11.91
N TRP B . 12.15 13.16 12.56
CA TRP B . 10.94 13.34 11.76
C TRP B . 9.77 13.72 12.65
O TRP B . 9.94 13.72 13.88
CB TRP B . 10.61 12.07 10.98
CG TRP B . 10.48 10.79 11.81
CD1 TRP B . 11.48 9.93 12.12
CD2 TRP B . 9.28 10.24 12.39
NE1 TRP B . 10.99 8.87 12.86
CE2 TRP B . 9.65 9.03 13.02
CE3 TRP B . 7.95 10.63 12.41
CZ2 TRP B . 8.70 8.21 13.70
CZ3 TRP B . 7.02 9.83 13.07
CH2 TRP B . 7.40 8.64 13.71
OXT TRP B . 8.66 14.02 12.19
N MET C . 5.03 -3.08 5.52
CA MET C . 4.55 -2.24 6.61
C MET C . 3.10 -1.97 6.39
O MET C . 2.58 -1.16 7.17
CB MET C . 5.28 -0.90 6.61
CG MET C . 6.75 -1.02 6.44
SD MET C . 7.50 -1.69 7.93
CE MET C . 7.40 -3.48 7.71
OXT MET C . 2.56 -2.52 5.42
#